data_3D3M
#
_entry.id   3D3M
#
_cell.length_a   61.059
_cell.length_b   45.734
_cell.length_c   63.357
_cell.angle_alpha   90.000
_cell.angle_beta   103.810
_cell.angle_gamma   90.000
#
_symmetry.space_group_name_H-M   'P 1 21 1'
#
loop_
_entity.id
_entity.type
_entity.pdbx_description
1 polymer 'Eukaryotic translation initiation factor 4 gamma 2'
2 water water
#
_entity_poly.entity_id   1
_entity_poly.type   'polypeptide(L)'
_entity_poly.pdbx_seq_one_letter_code
;LLKLEKELLKQIKLDPSPQTIYKWIKDNISPKLHVDKGFVNILMTSFLQYISSEVNPPSDETDSSSAPSKEQLEQEKQLL
LSFKPVMQKFLHDHVDLQVSALYALQVHCYNSNFPKGMLLRFFVHFYDMEIIEEEAFLAWKEDITQEFPGKGKALFQVNQ
WLTWLETA
;
_entity_poly.pdbx_strand_id   A,B
#
# COMPACT_ATOMS: atom_id res chain seq x y z
N LEU A 1 -18.99 -7.58 27.17
CA LEU A 1 -18.35 -7.33 25.83
C LEU A 1 -18.50 -5.87 25.33
N LEU A 2 -19.68 -5.25 25.52
CA LEU A 2 -19.78 -3.81 25.31
C LEU A 2 -18.95 -3.08 26.39
N LYS A 3 -18.96 -3.65 27.60
CA LYS A 3 -18.12 -3.19 28.69
C LYS A 3 -16.64 -3.34 28.29
N LEU A 4 -16.32 -4.60 27.94
CA LEU A 4 -14.96 -5.04 27.71
C LEU A 4 -14.40 -4.05 26.75
N GLU A 5 -15.25 -3.62 25.84
CA GLU A 5 -14.86 -2.73 24.81
C GLU A 5 -14.48 -1.36 25.40
N LYS A 6 -15.16 -1.02 26.48
CA LYS A 6 -14.94 0.26 27.14
C LYS A 6 -13.53 0.22 27.63
N GLU A 7 -13.25 -0.85 28.38
CA GLU A 7 -11.96 -0.96 28.99
C GLU A 7 -10.79 -1.05 27.97
N LEU A 8 -10.96 -1.87 26.93
CA LEU A 8 -9.95 -1.97 25.90
C LEU A 8 -9.62 -0.65 25.22
N LEU A 9 -10.65 0.15 24.92
CA LEU A 9 -10.31 1.41 24.23
C LEU A 9 -9.59 2.45 25.16
N LYS A 10 -10.03 2.44 26.41
CA LYS A 10 -9.34 3.20 27.47
C LYS A 10 -7.89 2.80 27.53
N GLN A 11 -7.65 1.49 27.47
CA GLN A 11 -6.30 0.97 27.59
C GLN A 11 -5.41 1.34 26.40
N ILE A 12 -6.02 1.31 25.20
CA ILE A 12 -5.25 1.75 24.04
C ILE A 12 -4.83 3.22 24.08
N LYS A 13 -5.73 4.09 24.52
CA LYS A 13 -5.40 5.49 24.61
C LYS A 13 -4.34 5.76 25.67
N LEU A 14 -4.49 5.12 26.82
CA LEU A 14 -3.43 5.15 27.84
C LEU A 14 -2.01 4.75 27.36
N ASP A 15 -1.89 3.77 26.45
CA ASP A 15 -0.61 3.31 26.02
C ASP A 15 -0.86 2.50 24.74
N PRO A 16 -0.66 3.16 23.59
CA PRO A 16 -0.88 2.44 22.33
C PRO A 16 0.30 1.61 21.88
N SER A 17 1.21 1.19 22.74
CA SER A 17 2.19 0.20 22.32
C SER A 17 1.49 -1.12 21.93
N PRO A 18 1.80 -1.68 20.74
CA PRO A 18 1.18 -2.98 20.38
C PRO A 18 1.46 -4.01 21.42
N GLN A 19 2.66 -3.97 21.94
CA GLN A 19 3.05 -4.89 22.95
C GLN A 19 2.21 -4.76 24.22
N THR A 20 1.96 -3.52 24.64
CA THR A 20 1.26 -3.30 25.91
C THR A 20 -0.18 -3.76 25.74
N ILE A 21 -0.79 -3.45 24.59
CA ILE A 21 -2.21 -3.72 24.41
C ILE A 21 -2.37 -5.26 24.30
N TYR A 22 -1.47 -5.92 23.55
CA TYR A 22 -1.54 -7.40 23.48
C TYR A 22 -1.39 -8.04 24.87
N LYS A 23 -0.47 -7.53 25.69
CA LYS A 23 -0.32 -8.08 27.04
C LYS A 23 -1.54 -7.83 27.87
N TRP A 24 -2.09 -6.62 27.80
CA TRP A 24 -3.36 -6.38 28.50
C TRP A 24 -4.43 -7.36 28.12
N ILE A 25 -4.64 -7.59 26.80
CA ILE A 25 -5.62 -8.61 26.38
C ILE A 25 -5.35 -9.98 26.97
N LYS A 26 -4.12 -10.43 26.86
CA LYS A 26 -3.83 -11.75 27.31
C LYS A 26 -4.00 -11.83 28.84
N ASP A 27 -3.74 -10.75 29.53
CA ASP A 27 -3.79 -10.79 31.02
C ASP A 27 -5.20 -10.54 31.57
N ASN A 28 -6.10 -10.03 30.74
CA ASN A 28 -7.41 -9.52 31.22
C ASN A 28 -8.60 -10.06 30.53
N ILE A 29 -8.38 -10.85 29.46
CA ILE A 29 -9.51 -11.42 28.76
C ILE A 29 -9.26 -12.89 28.64
N SER A 30 -10.19 -13.72 29.14
CA SER A 30 -10.03 -15.20 29.04
C SER A 30 -9.73 -15.64 27.56
N PRO A 31 -8.75 -16.54 27.38
CA PRO A 31 -8.39 -17.00 26.04
C PRO A 31 -9.58 -17.65 25.36
N LYS A 32 -10.57 -18.12 26.09
CA LYS A 32 -11.71 -18.67 25.33
C LYS A 32 -12.42 -17.62 24.51
N LEU A 33 -12.34 -16.35 24.92
CA LEU A 33 -12.97 -15.28 24.18
C LEU A 33 -12.12 -14.83 23.01
N HIS A 34 -10.83 -15.24 22.92
CA HIS A 34 -10.00 -14.71 21.84
C HIS A 34 -10.39 -15.18 20.45
N VAL A 35 -11.24 -16.18 20.42
CA VAL A 35 -11.71 -16.74 19.20
C VAL A 35 -13.19 -16.56 19.09
N ASP A 36 -13.74 -15.60 19.87
CA ASP A 36 -15.12 -15.28 19.80
C ASP A 36 -15.31 -14.14 18.76
N LYS A 37 -16.35 -14.25 17.90
CA LYS A 37 -16.56 -13.18 16.85
C LYS A 37 -16.90 -11.87 17.55
N GLY A 38 -17.62 -11.91 18.65
CA GLY A 38 -17.99 -10.61 19.28
C GLY A 38 -16.72 -9.95 19.79
N PHE A 39 -15.79 -10.74 20.34
CA PHE A 39 -14.48 -10.13 20.82
C PHE A 39 -13.72 -9.55 19.66
N VAL A 40 -13.65 -10.31 18.58
CA VAL A 40 -12.92 -9.75 17.37
C VAL A 40 -13.63 -8.47 16.92
N ASN A 41 -14.94 -8.41 17.01
CA ASN A 41 -15.64 -7.16 16.65
C ASN A 41 -15.20 -5.94 17.49
N ILE A 42 -15.25 -6.11 18.82
CA ILE A 42 -14.83 -5.03 19.73
C ILE A 42 -13.33 -4.72 19.57
N LEU A 43 -12.52 -5.75 19.35
CA LEU A 43 -11.06 -5.48 19.14
C LEU A 43 -10.79 -4.60 17.96
N MET A 44 -11.31 -5.03 16.81
CA MET A 44 -11.05 -4.30 15.59
C MET A 44 -11.73 -2.92 15.68
N THR A 45 -12.95 -2.85 16.24
CA THR A 45 -13.63 -1.57 16.42
C THR A 45 -12.80 -0.52 17.25
N SER A 46 -12.24 -0.96 18.37
CA SER A 46 -11.37 -0.16 19.19
C SER A 46 -10.09 0.30 18.47
N PHE A 47 -9.44 -0.59 17.70
CA PHE A 47 -8.26 -0.18 16.94
C PHE A 47 -8.61 0.87 15.93
N LEU A 48 -9.67 0.62 15.18
CA LEU A 48 -10.08 1.61 14.17
C LEU A 48 -10.47 2.97 14.81
N GLN A 49 -11.21 2.94 15.88
CA GLN A 49 -11.55 4.21 16.61
C GLN A 49 -10.29 4.91 17.02
N TYR A 50 -9.36 4.19 17.59
CA TYR A 50 -8.13 4.85 17.97
C TYR A 50 -7.39 5.45 16.77
N ILE A 51 -7.23 4.67 15.74
CA ILE A 51 -6.54 5.20 14.56
C ILE A 51 -7.22 6.47 14.04
N SER A 52 -8.56 6.44 13.93
CA SER A 52 -9.27 7.66 13.50
C SER A 52 -9.07 8.90 14.34
N SER A 53 -9.19 8.71 15.66
CA SER A 53 -8.94 9.74 16.65
C SER A 53 -7.52 10.32 16.46
N GLU A 54 -6.56 9.51 16.00
CA GLU A 54 -5.19 9.98 15.82
C GLU A 54 -4.98 10.64 14.48
N VAL A 55 -5.56 10.06 13.44
CA VAL A 55 -5.33 10.54 12.06
C VAL A 55 -6.21 11.74 11.70
N ASN A 56 -7.44 11.75 12.18
CA ASN A 56 -8.29 12.81 11.79
C ASN A 56 -8.95 13.33 13.00
N PRO A 57 -8.17 14.03 13.87
CA PRO A 57 -8.79 14.51 15.07
C PRO A 57 -9.72 15.70 14.67
N PRO A 58 -10.76 15.97 15.45
CA PRO A 58 -11.42 17.31 15.47
C PRO A 58 -10.43 18.51 15.52
N SER A 59 -9.91 18.85 14.33
CA SER A 59 -9.26 20.10 14.01
C SER A 59 -10.26 20.97 13.16
N ALA A 67 -11.50 13.90 3.08
CA ALA A 67 -10.44 14.21 2.13
C ALA A 67 -9.05 14.29 2.85
N PRO A 68 -8.38 13.12 3.10
CA PRO A 68 -7.15 13.10 3.87
C PRO A 68 -5.99 13.63 3.04
N SER A 69 -5.03 14.25 3.73
CA SER A 69 -3.81 14.72 3.13
C SER A 69 -2.89 13.51 2.94
N LYS A 70 -1.89 13.62 2.07
CA LYS A 70 -0.91 12.54 1.94
C LYS A 70 -0.26 12.26 3.31
N GLU A 71 -0.03 13.27 4.12
CA GLU A 71 0.51 13.04 5.47
C GLU A 71 -0.44 12.18 6.37
N GLN A 72 -1.75 12.44 6.25
CA GLN A 72 -2.66 11.64 7.06
C GLN A 72 -2.64 10.20 6.52
N LEU A 73 -2.70 10.01 5.22
CA LEU A 73 -2.62 8.66 4.57
C LEU A 73 -1.37 7.89 5.08
N GLU A 74 -0.22 8.56 5.11
CA GLU A 74 1.03 7.90 5.66
C GLU A 74 0.93 7.64 7.13
N GLN A 75 0.40 8.59 7.92
CA GLN A 75 0.28 8.38 9.34
C GLN A 75 -0.60 7.14 9.65
N GLU A 76 -1.68 7.03 8.90
CA GLU A 76 -2.71 6.01 9.08
C GLU A 76 -2.07 4.66 8.74
N LYS A 77 -1.39 4.61 7.62
CA LYS A 77 -0.69 3.35 7.26
C LYS A 77 0.28 2.93 8.36
N GLN A 78 1.04 3.90 8.90
CA GLN A 78 2.02 3.60 9.92
C GLN A 78 1.41 3.08 11.18
N LEU A 79 0.32 3.67 11.61
CA LEU A 79 -0.34 3.16 12.79
C LEU A 79 -0.91 1.77 12.58
N LEU A 80 -1.57 1.57 11.47
CA LEU A 80 -2.08 0.24 11.15
C LEU A 80 -0.95 -0.79 11.05
N LEU A 81 0.16 -0.41 10.46
CA LEU A 81 1.31 -1.30 10.43
C LEU A 81 1.79 -1.67 11.84
N SER A 82 1.86 -0.70 12.77
CA SER A 82 2.24 -1.07 14.16
C SER A 82 1.22 -2.04 14.79
N PHE A 83 -0.04 -1.96 14.39
CA PHE A 83 -1.02 -2.90 15.03
C PHE A 83 -1.17 -4.26 14.33
N LYS A 84 -0.68 -4.30 13.10
CA LYS A 84 -0.82 -5.48 12.25
C LYS A 84 -0.43 -6.82 12.94
N PRO A 85 0.70 -6.90 13.65
CA PRO A 85 1.02 -8.20 14.29
C PRO A 85 0.04 -8.63 15.37
N VAL A 86 -0.58 -7.68 16.10
CA VAL A 86 -1.61 -7.97 17.07
C VAL A 86 -2.85 -8.46 16.35
N MET A 87 -3.30 -7.75 15.34
CA MET A 87 -4.48 -8.17 14.63
C MET A 87 -4.24 -9.55 14.00
N GLN A 88 -3.08 -9.74 13.36
CA GLN A 88 -2.75 -11.08 12.76
C GLN A 88 -2.73 -12.22 13.83
N LYS A 89 -2.28 -11.90 15.02
CA LYS A 89 -2.16 -12.93 16.08
C LYS A 89 -3.55 -13.55 16.34
N PHE A 90 -4.58 -12.72 16.43
CA PHE A 90 -5.94 -13.21 16.57
C PHE A 90 -6.68 -13.67 15.32
N LEU A 91 -6.30 -13.15 14.16
CA LEU A 91 -7.04 -13.47 12.91
C LEU A 91 -6.43 -14.56 12.00
N HIS A 92 -5.14 -14.80 12.16
CA HIS A 92 -4.51 -15.73 11.22
C HIS A 92 -5.17 -17.09 11.36
N ASP A 93 -5.43 -17.70 10.20
CA ASP A 93 -5.94 -19.08 10.21
C ASP A 93 -7.39 -19.11 10.68
N HIS A 94 -8.02 -17.95 10.81
CA HIS A 94 -9.46 -17.91 11.25
C HIS A 94 -10.32 -17.05 10.30
N VAL A 95 -10.79 -17.64 9.20
CA VAL A 95 -11.45 -16.88 8.16
C VAL A 95 -12.75 -16.33 8.69
N ASP A 96 -13.48 -17.08 9.54
CA ASP A 96 -14.73 -16.49 10.07
C ASP A 96 -14.56 -15.32 10.98
N LEU A 97 -13.47 -15.29 11.74
CA LEU A 97 -13.16 -14.13 12.57
C LEU A 97 -12.69 -13.00 11.67
N GLN A 98 -12.06 -13.34 10.55
CA GLN A 98 -11.70 -12.25 9.60
C GLN A 98 -12.94 -11.56 9.01
N VAL A 99 -13.99 -12.34 8.79
CA VAL A 99 -15.30 -11.77 8.32
C VAL A 99 -15.81 -10.90 9.41
N SER A 100 -15.72 -11.37 10.66
CA SER A 100 -16.12 -10.44 11.76
C SER A 100 -15.36 -9.12 11.75
N ALA A 101 -14.07 -9.14 11.50
CA ALA A 101 -13.26 -7.90 11.42
C ALA A 101 -13.71 -7.03 10.25
N LEU A 102 -14.06 -7.62 9.11
CA LEU A 102 -14.61 -6.83 8.01
C LEU A 102 -15.96 -6.20 8.42
N TYR A 103 -16.79 -6.93 9.14
CA TYR A 103 -18.06 -6.22 9.61
C TYR A 103 -17.72 -5.10 10.57
N ALA A 104 -16.75 -5.30 11.48
CA ALA A 104 -16.29 -4.18 12.31
C ALA A 104 -15.91 -2.92 11.52
N LEU A 105 -15.12 -3.11 10.45
CA LEU A 105 -14.64 -2.02 9.63
C LEU A 105 -15.87 -1.44 8.85
N GLN A 106 -16.77 -2.32 8.40
CA GLN A 106 -18.00 -1.78 7.74
C GLN A 106 -18.72 -0.84 8.69
N VAL A 107 -18.98 -1.30 9.91
CA VAL A 107 -19.82 -0.52 10.89
C VAL A 107 -19.08 0.74 11.29
N HIS A 108 -17.77 0.61 11.48
CA HIS A 108 -16.94 1.79 11.72
C HIS A 108 -17.07 2.83 10.61
N CYS A 109 -16.98 2.43 9.37
CA CYS A 109 -17.16 3.42 8.29
C CYS A 109 -18.58 3.92 8.23
N TYR A 110 -19.55 3.00 8.40
CA TYR A 110 -20.99 3.43 8.47
C TYR A 110 -21.17 4.52 9.57
N ASN A 111 -20.62 4.29 10.75
CA ASN A 111 -20.62 5.28 11.82
C ASN A 111 -19.98 6.65 11.53
N SER A 112 -19.11 6.73 10.51
CA SER A 112 -18.50 7.98 10.07
C SER A 112 -19.16 8.44 8.78
N ASN A 113 -20.32 7.89 8.43
CA ASN A 113 -21.00 8.27 7.20
C ASN A 113 -20.25 7.97 5.87
N PHE A 114 -19.51 6.85 5.86
CA PHE A 114 -18.73 6.49 4.68
C PHE A 114 -17.86 7.56 4.00
N PRO A 115 -16.86 8.08 4.68
CA PRO A 115 -15.99 9.09 4.04
C PRO A 115 -15.49 8.56 2.75
N LYS A 116 -15.38 9.45 1.74
CA LYS A 116 -14.96 9.08 0.37
C LYS A 116 -13.68 8.24 0.40
N GLY A 117 -13.73 7.07 -0.21
CA GLY A 117 -12.53 6.17 -0.28
C GLY A 117 -12.11 5.47 1.01
N MET A 118 -12.68 5.79 2.15
CA MET A 118 -12.15 5.24 3.40
C MET A 118 -12.27 3.70 3.48
N LEU A 119 -13.46 3.17 3.21
CA LEU A 119 -13.69 1.74 3.33
C LEU A 119 -12.73 1.02 2.38
N LEU A 120 -12.64 1.47 1.13
CA LEU A 120 -11.88 0.71 0.18
C LEU A 120 -10.36 0.83 0.47
N ARG A 121 -9.93 2.00 0.96
CA ARG A 121 -8.54 2.17 1.36
C ARG A 121 -8.14 1.20 2.47
N PHE A 122 -9.07 0.98 3.40
CA PHE A 122 -8.85 -0.07 4.38
C PHE A 122 -8.90 -1.51 3.81
N PHE A 123 -9.83 -1.83 2.87
CA PHE A 123 -9.79 -3.17 2.27
C PHE A 123 -8.38 -3.39 1.63
N VAL A 124 -7.92 -2.36 0.92
CA VAL A 124 -6.59 -2.48 0.26
C VAL A 124 -5.51 -2.71 1.30
N HIS A 125 -5.55 -1.91 2.36
CA HIS A 125 -4.61 -2.17 3.46
C HIS A 125 -4.65 -3.60 4.04
N PHE A 126 -5.86 -4.05 4.41
CA PHE A 126 -6.06 -5.32 5.10
C PHE A 126 -5.63 -6.45 4.15
N TYR A 127 -5.86 -6.26 2.86
CA TYR A 127 -5.45 -7.32 1.91
C TYR A 127 -3.90 -7.33 1.77
N ASP A 128 -3.32 -6.17 1.51
CA ASP A 128 -1.85 -6.05 1.29
C ASP A 128 -1.05 -6.41 2.51
N MET A 129 -1.61 -6.14 3.71
CA MET A 129 -0.96 -6.47 4.95
C MET A 129 -1.17 -7.89 5.41
N GLU A 130 -1.93 -8.67 4.67
CA GLU A 130 -2.21 -10.05 5.00
C GLU A 130 -2.88 -10.16 6.36
N ILE A 131 -3.73 -9.20 6.65
CA ILE A 131 -4.63 -9.26 7.84
C ILE A 131 -5.91 -10.05 7.48
N ILE A 132 -6.42 -9.86 6.26
CA ILE A 132 -7.71 -10.46 5.82
C ILE A 132 -7.34 -11.21 4.50
N GLU A 133 -7.72 -12.48 4.39
CA GLU A 133 -7.47 -13.28 3.21
C GLU A 133 -8.59 -13.06 2.19
N GLU A 134 -8.25 -13.30 0.91
CA GLU A 134 -9.22 -13.27 -0.15
C GLU A 134 -10.51 -13.95 0.19
N GLU A 135 -10.43 -15.16 0.75
CA GLU A 135 -11.66 -15.89 1.09
C GLU A 135 -12.62 -15.17 2.02
N ALA A 136 -12.06 -14.45 3.01
CA ALA A 136 -12.89 -13.70 3.93
C ALA A 136 -13.52 -12.49 3.22
N PHE A 137 -12.80 -11.82 2.34
CA PHE A 137 -13.44 -10.73 1.65
C PHE A 137 -14.70 -11.28 0.92
N LEU A 138 -14.53 -12.41 0.23
CA LEU A 138 -15.68 -12.94 -0.57
C LEU A 138 -16.76 -13.52 0.36
N ALA A 139 -16.38 -14.11 1.50
CA ALA A 139 -17.41 -14.57 2.42
C ALA A 139 -18.23 -13.39 2.93
N TRP A 140 -17.53 -12.28 3.24
CA TRP A 140 -18.22 -11.07 3.73
C TRP A 140 -19.18 -10.59 2.62
N LYS A 141 -18.71 -10.52 1.39
CA LYS A 141 -19.57 -10.07 0.29
C LYS A 141 -20.87 -10.87 0.24
N GLU A 142 -20.71 -12.19 0.28
CA GLU A 142 -21.84 -13.10 0.01
C GLU A 142 -22.67 -13.43 1.21
N ASP A 143 -22.27 -12.95 2.39
CA ASP A 143 -22.86 -13.36 3.67
C ASP A 143 -24.29 -12.79 3.75
N ILE A 144 -25.27 -13.63 4.06
CA ILE A 144 -26.59 -13.09 4.39
C ILE A 144 -26.88 -13.12 5.89
N THR A 145 -26.32 -14.11 6.55
CA THR A 145 -26.68 -14.35 7.92
C THR A 145 -26.46 -13.19 8.91
N GLN A 146 -25.55 -12.28 8.63
CA GLN A 146 -25.36 -11.23 9.58
C GLN A 146 -26.16 -9.97 9.13
N GLU A 147 -26.33 -9.05 10.08
CA GLU A 147 -27.17 -7.87 9.95
C GLU A 147 -26.47 -6.84 10.87
N PHE A 148 -25.59 -6.06 10.25
CA PHE A 148 -24.96 -4.90 10.80
C PHE A 148 -25.40 -3.89 9.80
N PRO A 149 -25.43 -2.61 10.17
CA PRO A 149 -25.90 -1.65 9.17
C PRO A 149 -24.82 -1.28 8.15
N GLY A 150 -25.26 -0.76 7.01
CA GLY A 150 -24.35 -0.10 6.03
C GLY A 150 -23.82 -1.07 4.98
N LYS A 151 -24.38 -2.27 4.92
CA LYS A 151 -23.81 -3.31 4.01
C LYS A 151 -23.95 -2.92 2.53
N GLY A 152 -25.09 -2.29 2.15
CA GLY A 152 -25.28 -1.91 0.73
C GLY A 152 -24.32 -0.83 0.28
N LYS A 153 -24.16 0.19 1.13
CA LYS A 153 -23.35 1.33 0.73
C LYS A 153 -21.90 0.85 0.75
N ALA A 154 -21.58 -0.04 1.69
CA ALA A 154 -20.19 -0.65 1.70
C ALA A 154 -19.87 -1.39 0.41
N LEU A 155 -20.73 -2.33 0.03
CA LEU A 155 -20.62 -3.02 -1.22
C LEU A 155 -20.46 -2.09 -2.42
N PHE A 156 -21.26 -1.02 -2.47
CA PHE A 156 -21.22 -0.07 -3.59
C PHE A 156 -19.82 0.49 -3.73
N GLN A 157 -19.19 0.81 -2.59
CA GLN A 157 -17.84 1.36 -2.65
C GLN A 157 -16.69 0.37 -2.96
N VAL A 158 -16.84 -0.91 -2.62
CA VAL A 158 -15.76 -1.93 -2.92
C VAL A 158 -16.09 -2.95 -3.99
N ASN A 159 -17.30 -2.90 -4.54
CA ASN A 159 -17.61 -3.85 -5.58
C ASN A 159 -16.69 -4.02 -6.78
N GLN A 160 -16.20 -2.95 -7.38
CA GLN A 160 -15.26 -3.15 -8.46
C GLN A 160 -13.98 -3.90 -8.00
N TRP A 161 -13.52 -3.58 -6.79
CA TRP A 161 -12.34 -4.22 -6.21
C TRP A 161 -12.59 -5.68 -5.94
N LEU A 162 -13.71 -6.00 -5.31
CA LEU A 162 -14.07 -7.37 -5.07
C LEU A 162 -14.26 -8.18 -6.32
N THR A 163 -14.88 -7.56 -7.34
CA THR A 163 -15.11 -8.29 -8.56
C THR A 163 -13.77 -8.63 -9.21
N TRP A 164 -12.83 -7.70 -9.19
CA TRP A 164 -11.52 -8.03 -9.69
C TRP A 164 -10.82 -9.20 -8.95
N LEU A 165 -10.91 -9.20 -7.64
CA LEU A 165 -10.42 -10.25 -6.81
C LEU A 165 -11.00 -11.56 -7.16
N GLU A 166 -12.30 -11.57 -7.33
CA GLU A 166 -12.96 -12.78 -7.71
C GLU A 166 -12.72 -13.26 -9.17
N THR A 167 -12.57 -12.36 -10.12
CA THR A 167 -12.60 -12.82 -11.52
C THR A 167 -11.38 -12.28 -12.23
N ALA A 168 -11.12 -12.51 -13.47
CA ALA A 168 -9.96 -11.51 -13.49
C ALA A 168 -10.03 -10.10 -14.06
N LEU B 1 19.77 -1.58 -26.48
CA LEU B 1 18.96 -1.05 -25.33
C LEU B 1 18.85 -2.11 -24.21
N LEU B 2 18.66 -3.35 -24.59
CA LEU B 2 18.80 -4.42 -23.62
C LEU B 2 20.28 -4.48 -23.17
N LYS B 3 21.17 -4.15 -24.09
CA LYS B 3 22.58 -4.06 -23.84
C LYS B 3 22.82 -3.03 -22.73
N LEU B 4 22.31 -1.82 -22.93
CA LEU B 4 22.51 -0.72 -22.01
C LEU B 4 21.95 -1.01 -20.63
N GLU B 5 20.85 -1.75 -20.57
CA GLU B 5 20.20 -1.96 -19.30
C GLU B 5 21.10 -2.74 -18.33
N LYS B 6 21.80 -3.74 -18.87
CA LYS B 6 22.70 -4.58 -18.07
C LYS B 6 23.92 -3.77 -17.62
N GLU B 7 24.42 -2.94 -18.55
CA GLU B 7 25.62 -2.14 -18.30
C GLU B 7 25.34 -1.03 -17.28
N LEU B 8 24.16 -0.43 -17.37
CA LEU B 8 23.73 0.57 -16.40
C LEU B 8 23.68 -0.07 -15.02
N LEU B 9 23.10 -1.25 -14.97
CA LEU B 9 22.96 -1.99 -13.71
C LEU B 9 24.32 -2.32 -13.09
N LYS B 10 25.19 -2.94 -13.89
CA LYS B 10 26.60 -3.14 -13.56
C LYS B 10 27.28 -1.93 -12.99
N GLN B 11 27.20 -0.78 -13.68
CA GLN B 11 27.70 0.48 -13.17
C GLN B 11 27.13 0.85 -11.84
N ILE B 12 25.80 0.75 -11.78
CA ILE B 12 25.14 1.23 -10.57
C ILE B 12 25.56 0.34 -9.40
N LYS B 13 25.71 -0.95 -9.62
CA LYS B 13 26.10 -1.80 -8.52
C LYS B 13 27.54 -1.59 -8.08
N LEU B 14 28.35 -1.22 -9.06
CA LEU B 14 29.72 -0.84 -8.78
C LEU B 14 29.82 0.41 -7.97
N ASP B 15 29.06 1.44 -8.32
CA ASP B 15 29.03 2.69 -7.59
C ASP B 15 27.68 3.37 -7.70
N PRO B 16 26.87 3.26 -6.66
CA PRO B 16 25.49 3.72 -6.76
C PRO B 16 25.35 5.18 -6.41
N SER B 17 26.46 5.89 -6.38
CA SER B 17 26.42 7.32 -6.11
C SER B 17 25.65 8.09 -7.19
N PRO B 18 24.67 8.92 -6.79
CA PRO B 18 23.92 9.57 -7.87
C PRO B 18 24.84 10.50 -8.75
N GLN B 19 25.75 11.24 -8.12
CA GLN B 19 26.74 12.07 -8.86
C GLN B 19 27.35 11.24 -9.94
N THR B 20 27.78 10.04 -9.58
CA THR B 20 28.57 9.14 -10.46
C THR B 20 27.82 8.58 -11.63
N ILE B 21 26.65 8.08 -11.28
CA ILE B 21 25.74 7.58 -12.28
C ILE B 21 25.32 8.73 -13.22
N TYR B 22 25.02 9.95 -12.72
CA TYR B 22 24.61 10.99 -13.68
C TYR B 22 25.76 11.33 -14.58
N LYS B 23 26.92 11.57 -13.96
CA LYS B 23 28.10 11.83 -14.79
C LYS B 23 28.34 10.71 -15.79
N TRP B 24 28.17 9.47 -15.38
CA TRP B 24 28.41 8.37 -16.30
C TRP B 24 27.49 8.49 -17.49
N ILE B 25 26.20 8.69 -17.20
CA ILE B 25 25.26 8.90 -18.32
C ILE B 25 25.68 10.08 -19.21
N LYS B 26 26.01 11.24 -18.62
CA LYS B 26 26.40 12.44 -19.37
C LYS B 26 27.64 12.21 -20.19
N ASP B 27 28.61 11.41 -19.68
CA ASP B 27 29.80 10.98 -20.50
C ASP B 27 29.56 9.76 -21.44
N ASN B 28 28.53 8.95 -21.28
CA ASN B 28 28.52 7.72 -22.16
C ASN B 28 27.31 7.45 -23.06
N ILE B 29 26.23 8.21 -22.86
CA ILE B 29 25.01 7.88 -23.61
C ILE B 29 24.66 9.04 -24.53
N SER B 30 24.39 8.74 -25.80
CA SER B 30 23.99 9.79 -26.77
C SER B 30 22.96 10.74 -26.17
N PRO B 31 23.26 12.05 -26.13
CA PRO B 31 22.27 12.97 -25.59
C PRO B 31 20.89 12.94 -26.28
N LYS B 32 20.78 12.33 -27.46
CA LYS B 32 19.44 12.16 -28.09
C LYS B 32 18.58 11.23 -27.21
N LEU B 33 19.22 10.21 -26.68
CA LEU B 33 18.58 9.21 -25.84
C LEU B 33 18.11 9.66 -24.46
N HIS B 34 18.64 10.76 -23.91
CA HIS B 34 18.19 11.21 -22.59
C HIS B 34 16.67 11.52 -22.51
N VAL B 35 16.03 11.78 -23.66
CA VAL B 35 14.59 12.11 -23.69
C VAL B 35 13.81 11.04 -24.41
N ASP B 36 14.48 9.94 -24.69
CA ASP B 36 13.83 8.82 -25.28
C ASP B 36 13.08 7.94 -24.25
N LYS B 37 11.86 7.47 -24.57
CA LYS B 37 11.10 6.52 -23.71
C LYS B 37 11.72 5.17 -23.42
N GLY B 38 12.36 4.59 -24.40
CA GLY B 38 13.07 3.37 -24.16
C GLY B 38 14.20 3.54 -23.15
N PHE B 39 14.93 4.63 -23.24
CA PHE B 39 16.06 4.82 -22.35
C PHE B 39 15.57 5.17 -20.96
N VAL B 40 14.50 5.93 -20.89
CA VAL B 40 13.96 6.22 -19.59
C VAL B 40 13.48 4.96 -18.92
N ASN B 41 12.83 4.08 -19.69
CA ASN B 41 12.42 2.76 -19.20
C ASN B 41 13.54 1.91 -18.64
N ILE B 42 14.62 1.77 -19.41
CA ILE B 42 15.77 1.02 -18.90
C ILE B 42 16.52 1.70 -17.77
N LEU B 43 16.55 3.04 -17.70
CA LEU B 43 17.21 3.71 -16.61
C LEU B 43 16.40 3.39 -15.30
N MET B 44 15.08 3.51 -15.38
CA MET B 44 14.29 3.27 -14.16
C MET B 44 14.35 1.83 -13.78
N THR B 45 14.23 0.92 -14.76
CA THR B 45 14.34 -0.47 -14.52
C THR B 45 15.68 -0.79 -13.78
N SER B 46 16.77 -0.20 -14.26
CA SER B 46 18.06 -0.44 -13.60
C SER B 46 18.04 0.02 -12.15
N PHE B 47 17.53 1.23 -11.86
CA PHE B 47 17.47 1.73 -10.48
C PHE B 47 16.68 0.76 -9.61
N LEU B 48 15.55 0.30 -10.13
CA LEU B 48 14.68 -0.63 -9.37
C LEU B 48 15.31 -2.00 -9.13
N GLN B 49 16.02 -2.54 -10.10
CA GLN B 49 16.69 -3.81 -9.91
C GLN B 49 17.82 -3.66 -8.90
N TYR B 50 18.54 -2.55 -8.95
CA TYR B 50 19.58 -2.32 -7.96
C TYR B 50 18.95 -2.37 -6.54
N ILE B 51 17.91 -1.57 -6.34
CA ILE B 51 17.29 -1.42 -5.01
C ILE B 51 16.77 -2.82 -4.58
N SER B 52 16.16 -3.59 -5.47
CA SER B 52 15.61 -4.85 -5.08
C SER B 52 16.75 -5.78 -4.65
N SER B 53 17.84 -5.76 -5.43
CA SER B 53 19.03 -6.56 -5.12
C SER B 53 19.52 -6.23 -3.72
N GLU B 54 19.49 -4.95 -3.32
CA GLU B 54 20.01 -4.49 -2.02
C GLU B 54 19.02 -4.85 -0.92
N VAL B 55 17.74 -4.68 -1.20
CA VAL B 55 16.73 -4.89 -0.16
C VAL B 55 16.35 -6.36 0.06
N ASN B 56 16.32 -7.12 -1.03
CA ASN B 56 16.00 -8.55 -1.09
C ASN B 56 17.08 -9.45 -1.65
N PRO B 57 18.13 -9.82 -0.89
CA PRO B 57 18.34 -10.06 0.52
C PRO B 57 17.07 -10.34 1.30
N ALA B 67 6.14 -10.16 3.11
CA ALA B 67 6.49 -8.79 3.47
C ALA B 67 7.99 -8.57 3.54
N PRO B 68 8.39 -7.32 3.33
CA PRO B 68 9.66 -6.81 3.76
C PRO B 68 9.53 -6.28 5.21
N SER B 69 10.66 -6.21 5.91
CA SER B 69 10.67 -5.74 7.29
C SER B 69 10.48 -4.25 7.31
N LYS B 70 10.07 -3.71 8.43
CA LYS B 70 10.13 -2.27 8.50
C LYS B 70 11.55 -1.72 8.15
N GLU B 71 12.60 -2.54 8.34
CA GLU B 71 13.97 -2.05 8.08
C GLU B 71 14.24 -2.13 6.60
N GLN B 72 13.79 -3.19 5.98
CA GLN B 72 13.83 -3.30 4.55
C GLN B 72 13.07 -2.16 3.82
N LEU B 73 11.88 -1.79 4.31
CA LEU B 73 11.10 -0.70 3.73
C LEU B 73 11.79 0.69 3.86
N GLU B 74 12.49 0.90 4.98
CA GLU B 74 13.22 2.16 5.19
C GLU B 74 14.48 2.25 4.33
N GLN B 75 15.19 1.13 4.22
CA GLN B 75 16.34 1.07 3.34
C GLN B 75 15.92 1.33 1.87
N GLU B 76 14.85 0.68 1.44
CA GLU B 76 14.25 0.95 0.13
C GLU B 76 14.01 2.46 -0.06
N LYS B 77 13.34 3.07 0.93
CA LYS B 77 13.05 4.45 0.84
C LYS B 77 14.29 5.31 0.78
N GLN B 78 15.29 5.05 1.61
CA GLN B 78 16.55 5.83 1.53
C GLN B 78 17.29 5.59 0.17
N LEU B 79 17.29 4.37 -0.36
CA LEU B 79 17.89 4.20 -1.70
C LEU B 79 17.16 5.02 -2.79
N LEU B 80 15.83 4.97 -2.80
CA LEU B 80 15.09 5.87 -3.72
C LEU B 80 15.46 7.31 -3.51
N LEU B 81 15.51 7.75 -2.26
CA LEU B 81 15.83 9.13 -1.98
C LEU B 81 17.17 9.49 -2.63
N SER B 82 18.13 8.57 -2.57
CA SER B 82 19.50 8.96 -3.02
C SER B 82 19.49 9.10 -4.52
N PHE B 83 18.61 8.38 -5.20
CA PHE B 83 18.57 8.45 -6.68
C PHE B 83 17.70 9.59 -7.20
N LYS B 84 16.96 10.22 -6.29
CA LYS B 84 15.94 11.14 -6.66
C LYS B 84 16.41 12.25 -7.60
N PRO B 85 17.57 12.86 -7.30
CA PRO B 85 18.07 13.97 -8.14
C PRO B 85 18.43 13.58 -9.57
N VAL B 86 18.99 12.40 -9.79
CA VAL B 86 19.23 11.93 -11.13
C VAL B 86 17.91 11.65 -11.87
N MET B 87 16.94 11.01 -11.17
CA MET B 87 15.65 10.70 -11.81
C MET B 87 14.93 12.01 -12.24
N GLN B 88 14.87 12.97 -11.35
CA GLN B 88 14.20 14.22 -11.62
C GLN B 88 14.90 14.89 -12.81
N LYS B 89 16.21 14.73 -12.86
CA LYS B 89 16.97 15.42 -13.89
C LYS B 89 16.40 15.06 -15.24
N PHE B 90 16.16 13.77 -15.49
CA PHE B 90 15.59 13.32 -16.76
C PHE B 90 14.02 13.37 -16.90
N LEU B 91 13.31 13.31 -15.79
CA LEU B 91 11.85 13.23 -15.87
C LEU B 91 11.09 14.56 -15.72
N HIS B 92 11.63 15.52 -14.96
CA HIS B 92 11.04 16.83 -14.80
C HIS B 92 10.64 17.48 -16.13
N ASP B 93 9.46 18.09 -16.11
CA ASP B 93 8.93 18.68 -17.34
C ASP B 93 8.73 17.67 -18.41
N HIS B 94 8.64 16.40 -18.05
CA HIS B 94 8.46 15.44 -19.11
C HIS B 94 7.42 14.41 -18.72
N VAL B 95 6.16 14.85 -18.75
CA VAL B 95 5.05 13.97 -18.44
C VAL B 95 5.11 12.65 -19.17
N ASP B 96 5.43 12.62 -20.46
CA ASP B 96 5.49 11.34 -21.15
C ASP B 96 6.58 10.38 -20.61
N LEU B 97 7.72 10.93 -20.23
CA LEU B 97 8.82 10.07 -19.78
C LEU B 97 8.39 9.54 -18.40
N GLN B 98 7.71 10.39 -17.64
CA GLN B 98 7.22 9.99 -16.29
C GLN B 98 6.30 8.79 -16.47
N VAL B 99 5.48 8.83 -17.52
CA VAL B 99 4.69 7.66 -17.93
C VAL B 99 5.50 6.42 -18.22
N SER B 100 6.56 6.56 -19.02
CA SER B 100 7.47 5.42 -19.26
C SER B 100 8.10 4.89 -17.97
N ALA B 101 8.44 5.81 -17.06
CA ALA B 101 8.97 5.45 -15.73
C ALA B 101 7.93 4.55 -15.01
N LEU B 102 6.68 4.97 -15.02
CA LEU B 102 5.60 4.16 -14.36
C LEU B 102 5.46 2.77 -14.97
N TYR B 103 5.55 2.66 -16.31
CA TYR B 103 5.58 1.36 -16.95
C TYR B 103 6.77 0.51 -16.54
N ALA B 104 7.95 1.11 -16.44
CA ALA B 104 9.14 0.41 -15.94
C ALA B 104 8.84 -0.23 -14.60
N LEU B 105 8.25 0.58 -13.71
CA LEU B 105 7.92 0.15 -12.34
C LEU B 105 6.87 -0.91 -12.44
N GLN B 106 5.87 -0.70 -13.32
CA GLN B 106 4.81 -1.73 -13.47
C GLN B 106 5.38 -3.09 -13.90
N VAL B 107 6.30 -3.13 -14.86
CA VAL B 107 6.83 -4.37 -15.29
C VAL B 107 7.82 -4.96 -14.28
N HIS B 108 8.52 -4.08 -13.56
CA HIS B 108 9.45 -4.53 -12.53
C HIS B 108 8.66 -5.30 -11.43
N CYS B 109 7.50 -4.75 -11.00
CA CYS B 109 6.66 -5.44 -10.02
C CYS B 109 5.99 -6.65 -10.57
N TYR B 110 5.52 -6.58 -11.79
CA TYR B 110 5.03 -7.71 -12.49
C TYR B 110 6.04 -8.86 -12.52
N ASN B 111 7.29 -8.52 -12.82
CA ASN B 111 8.35 -9.51 -12.93
C ASN B 111 8.64 -10.12 -11.56
N SER B 112 8.23 -9.44 -10.49
CA SER B 112 8.39 -9.96 -9.12
C SER B 112 7.12 -10.67 -8.65
N ASN B 113 6.21 -10.96 -9.57
CA ASN B 113 4.88 -11.51 -9.23
C ASN B 113 3.98 -10.55 -8.38
N PHE B 114 4.22 -9.26 -8.53
CA PHE B 114 3.50 -8.24 -7.73
C PHE B 114 3.38 -8.61 -6.25
N PRO B 115 4.51 -8.56 -5.52
CA PRO B 115 4.46 -8.77 -4.11
C PRO B 115 3.41 -7.76 -3.53
N LYS B 116 2.57 -8.25 -2.61
CA LYS B 116 1.57 -7.37 -1.93
C LYS B 116 2.15 -6.03 -1.44
N GLY B 117 1.49 -4.98 -1.89
CA GLY B 117 1.79 -3.65 -1.35
C GLY B 117 2.92 -2.97 -2.15
N MET B 118 3.62 -3.73 -2.99
CA MET B 118 4.92 -3.18 -3.49
C MET B 118 4.70 -2.08 -4.53
N LEU B 119 3.91 -2.39 -5.56
CA LEU B 119 3.58 -1.37 -6.59
C LEU B 119 3.02 -0.10 -5.99
N LEU B 120 2.06 -0.24 -5.05
CA LEU B 120 1.44 0.97 -4.45
C LEU B 120 2.43 1.76 -3.59
N ARG B 121 3.30 1.05 -2.84
CA ARG B 121 4.22 1.78 -1.98
C ARG B 121 5.20 2.60 -2.82
N PHE B 122 5.52 2.11 -4.00
CA PHE B 122 6.36 2.86 -4.90
C PHE B 122 5.62 4.02 -5.58
N PHE B 123 4.38 3.79 -5.97
CA PHE B 123 3.55 4.96 -6.40
C PHE B 123 3.57 6.08 -5.36
N VAL B 124 3.33 5.73 -4.10
CA VAL B 124 3.25 6.73 -3.01
C VAL B 124 4.60 7.46 -2.85
N HIS B 125 5.68 6.70 -2.91
CA HIS B 125 7.04 7.27 -2.83
C HIS B 125 7.31 8.25 -4.00
N PHE B 126 7.05 7.79 -5.21
CA PHE B 126 7.28 8.62 -6.41
C PHE B 126 6.51 9.88 -6.35
N TYR B 127 5.26 9.78 -5.91
CA TYR B 127 4.47 10.99 -5.64
C TYR B 127 5.01 11.85 -4.49
N ASP B 128 5.24 11.24 -3.34
CA ASP B 128 5.75 12.03 -2.20
C ASP B 128 7.07 12.75 -2.62
N MET B 129 7.92 12.06 -3.38
CA MET B 129 9.25 12.54 -3.61
C MET B 129 9.22 13.49 -4.82
N GLU B 130 8.03 13.68 -5.40
CA GLU B 130 7.89 14.51 -6.60
C GLU B 130 8.80 14.01 -7.69
N ILE B 131 8.90 12.69 -7.82
CA ILE B 131 9.53 12.13 -9.00
C ILE B 131 8.52 12.04 -10.18
N ILE B 132 7.27 11.74 -9.80
CA ILE B 132 6.20 11.59 -10.78
C ILE B 132 5.06 12.50 -10.33
N GLU B 133 4.54 13.29 -11.28
CA GLU B 133 3.52 14.26 -11.09
C GLU B 133 2.15 13.62 -11.28
N GLU B 134 1.14 14.24 -10.67
CA GLU B 134 -0.25 13.79 -10.83
C GLU B 134 -0.64 13.47 -12.25
N GLU B 135 -0.33 14.38 -13.17
CA GLU B 135 -0.70 14.21 -14.57
C GLU B 135 -0.26 12.89 -15.14
N ALA B 136 0.94 12.47 -14.77
CA ALA B 136 1.55 11.26 -15.39
C ALA B 136 0.87 10.02 -14.83
N PHE B 137 0.67 10.01 -13.53
CA PHE B 137 -0.12 8.92 -12.88
C PHE B 137 -1.46 8.75 -13.61
N LEU B 138 -2.20 9.87 -13.85
CA LEU B 138 -3.53 9.81 -14.53
C LEU B 138 -3.50 9.37 -15.98
N ALA B 139 -2.52 9.89 -16.72
CA ALA B 139 -2.20 9.40 -18.07
C ALA B 139 -1.88 7.93 -18.14
N TRP B 140 -1.06 7.46 -17.20
CA TRP B 140 -0.74 6.04 -17.18
C TRP B 140 -2.04 5.22 -16.96
N LYS B 141 -2.85 5.66 -16.03
CA LYS B 141 -4.12 4.94 -15.72
C LYS B 141 -4.94 4.67 -16.98
N GLU B 142 -5.05 5.70 -17.82
CA GLU B 142 -5.94 5.77 -18.97
C GLU B 142 -5.26 5.19 -20.21
N ASP B 143 -3.96 4.97 -20.15
CA ASP B 143 -3.23 4.54 -21.32
C ASP B 143 -3.44 3.07 -21.64
N ILE B 144 -3.64 2.77 -22.91
CA ILE B 144 -3.57 1.36 -23.33
C ILE B 144 -2.54 1.26 -24.43
N THR B 145 -2.25 2.43 -25.03
CA THR B 145 -1.44 2.53 -26.27
C THR B 145 -0.20 1.71 -26.04
N GLN B 146 0.43 1.89 -24.87
CA GLN B 146 1.47 0.99 -24.41
C GLN B 146 0.80 -0.32 -23.95
N GLU B 147 1.45 -1.44 -24.28
CA GLU B 147 1.16 -2.73 -23.70
C GLU B 147 2.46 -3.42 -23.19
N PHE B 148 2.73 -3.13 -21.94
CA PHE B 148 3.67 -3.85 -21.10
C PHE B 148 2.78 -4.78 -20.30
N PRO B 149 3.27 -5.97 -19.90
CA PRO B 149 2.45 -6.90 -19.11
C PRO B 149 1.96 -6.31 -17.74
N GLY B 150 0.85 -6.82 -17.20
CA GLY B 150 0.52 -6.57 -15.78
C GLY B 150 -0.35 -5.35 -15.55
N LYS B 151 -0.87 -4.71 -16.61
CA LYS B 151 -1.71 -3.48 -16.40
C LYS B 151 -2.96 -3.74 -15.55
N GLY B 152 -3.61 -4.85 -15.78
CA GLY B 152 -4.89 -5.08 -15.05
C GLY B 152 -4.68 -5.31 -13.53
N LYS B 153 -3.70 -6.11 -13.16
CA LYS B 153 -3.45 -6.34 -11.81
C LYS B 153 -2.81 -5.10 -11.23
N ALA B 154 -2.04 -4.37 -12.03
CA ALA B 154 -1.47 -3.11 -11.47
C ALA B 154 -2.58 -2.17 -11.05
N LEU B 155 -3.58 -1.93 -11.90
CA LEU B 155 -4.69 -0.99 -11.48
C LEU B 155 -5.52 -1.56 -10.33
N PHE B 156 -5.66 -2.86 -10.25
CA PHE B 156 -6.23 -3.45 -9.03
C PHE B 156 -5.54 -2.93 -7.74
N GLN B 157 -4.22 -2.86 -7.77
CA GLN B 157 -3.46 -2.43 -6.60
C GLN B 157 -3.46 -0.92 -6.36
N VAL B 158 -3.57 -0.11 -7.41
CA VAL B 158 -3.40 1.33 -7.20
C VAL B 158 -4.68 2.19 -7.43
N ASN B 159 -5.74 1.56 -7.95
CA ASN B 159 -6.93 2.29 -8.35
C ASN B 159 -7.48 3.16 -7.25
N GLN B 160 -7.56 2.61 -6.03
CA GLN B 160 -8.09 3.38 -4.89
C GLN B 160 -7.27 4.67 -4.68
N TRP B 161 -5.95 4.51 -4.77
CA TRP B 161 -5.07 5.64 -4.48
C TRP B 161 -5.18 6.64 -5.63
N LEU B 162 -5.27 6.13 -6.86
CA LEU B 162 -5.42 7.06 -8.03
C LEU B 162 -6.76 7.85 -7.89
N THR B 163 -7.80 7.21 -7.41
CA THR B 163 -9.07 7.97 -7.16
C THR B 163 -8.84 9.05 -6.11
N TRP B 164 -8.16 8.73 -5.02
CA TRP B 164 -7.80 9.73 -4.04
C TRP B 164 -6.97 10.88 -4.65
N LEU B 165 -5.95 10.53 -5.42
CA LEU B 165 -5.17 11.51 -6.11
C LEU B 165 -6.07 12.48 -6.93
N GLU B 166 -6.97 11.96 -7.75
CA GLU B 166 -7.68 12.85 -8.65
C GLU B 166 -8.59 13.82 -7.91
#